data_4H65
#
_entry.id   4H65
#
_cell.length_a   54.440
_cell.length_b   109.210
_cell.length_c   122.100
_cell.angle_alpha   90.00
_cell.angle_beta   90.00
_cell.angle_gamma   90.00
#
_symmetry.space_group_name_H-M   'P 21 21 21'
#
loop_
_entity.id
_entity.type
_entity.pdbx_description
1 polymer 'Pyrimidine precursor biosynthesis enzyme THI5'
2 water water
#
_entity_poly.entity_id   1
_entity_poly.type   'polypeptide(L)'
_entity_poly.pdbx_seq_one_letter_code
;(MSE)STDKITFLLNWQPTPYHIPIFLAQTKGYFKEQGLD(MSE)AILEPTNPSDVTELIGSGKVD(MSE)GLKA(MSE)
IHTLAAKARGFPVTSVASLLDEPFTGVLYLKGSGITEDFQSLKGKKIGYVGEFGKIQIDELTKHYG(MSE)KPEDYTAVR
CG(MSE)NVAKYIIEGKIDAGIGIEC(MSE)QQVELEEYLAKQGRPASDAK(MSE)LRIDKLACLGCCCFCTVLYICNDE
FLKKNPEKVRKFLKAIKKATDYVLADPVKAWSGYIDFKPQLNNDLSYKQYQRCYAYFSSSLYNVHRDWKKVTGYGKRLAI
LPPDYVSNYTNEYLSWPEPEEVSDPLEATRL(MSE)AIHQEKCRQEGTFKRLALPAHHHHHH
;
_entity_poly.pdbx_strand_id   A,B
#
# COMPACT_ATOMS: atom_id res chain seq x y z
N ASP A 4 -18.62 11.65 -0.51
CA ASP A 4 -17.69 12.65 0.02
C ASP A 4 -16.47 12.11 0.82
N LYS A 5 -15.99 10.93 0.46
CA LYS A 5 -14.72 10.45 0.99
C LYS A 5 -13.54 11.13 0.30
N ILE A 6 -12.48 11.39 1.06
CA ILE A 6 -11.26 11.86 0.42
C ILE A 6 -10.26 10.73 0.33
N THR A 7 -9.75 10.50 -0.87
CA THR A 7 -8.75 9.48 -1.06
C THR A 7 -7.33 10.04 -0.82
N PHE A 8 -6.51 9.25 -0.14
CA PHE A 8 -5.11 9.62 0.11
C PHE A 8 -4.22 8.44 -0.26
N LEU A 9 -3.33 8.65 -1.23
CA LEU A 9 -2.52 7.55 -1.74
C LEU A 9 -1.11 7.64 -1.15
N LEU A 10 -0.69 6.61 -0.41
CA LEU A 10 0.66 6.63 0.13
C LEU A 10 1.67 6.56 -1.01
N ASN A 11 2.92 6.86 -0.71
CA ASN A 11 3.98 6.87 -1.73
C ASN A 11 4.64 5.50 -1.92
N TRP A 12 4.12 4.49 -1.23
CA TRP A 12 4.87 3.26 -0.97
C TRP A 12 3.97 2.36 -0.14
N GLN A 13 4.42 1.13 0.10
CA GLN A 13 3.68 0.26 1.01
C GLN A 13 3.87 0.90 2.40
N PRO A 14 2.99 0.57 3.37
CA PRO A 14 3.09 1.18 4.69
C PRO A 14 4.51 1.18 5.25
N THR A 15 4.93 2.34 5.78
CA THR A 15 6.27 2.50 6.33
C THR A 15 6.23 2.97 7.76
N PRO A 16 7.35 2.90 8.48
CA PRO A 16 7.25 3.51 9.80
C PRO A 16 7.04 5.05 9.74
N TYR A 17 7.57 5.75 8.74
CA TYR A 17 7.31 7.19 8.67
C TYR A 17 5.93 7.56 8.20
N HIS A 18 5.12 6.58 7.82
CA HIS A 18 3.73 6.89 7.52
C HIS A 18 2.93 7.07 8.80
N ILE A 19 3.58 6.91 9.95
CA ILE A 19 2.87 6.88 11.23
C ILE A 19 1.95 8.08 11.56
N PRO A 20 2.31 9.34 11.18
CA PRO A 20 1.31 10.34 11.61
C PRO A 20 -0.03 10.21 10.88
N ILE A 21 0.02 9.77 9.63
CA ILE A 21 -1.17 9.64 8.80
C ILE A 21 -2.12 8.62 9.35
N PHE A 22 -1.63 7.42 9.63
CA PHE A 22 -2.50 6.38 10.19
C PHE A 22 -2.99 6.69 11.61
N LEU A 23 -2.11 7.27 12.42
CA LEU A 23 -2.41 7.55 13.81
C LEU A 23 -3.53 8.57 13.88
N ALA A 24 -3.42 9.62 13.07
CA ALA A 24 -4.47 10.60 12.94
C ALA A 24 -5.79 9.96 12.52
N GLN A 25 -5.73 8.82 11.84
CA GLN A 25 -6.96 8.11 11.51
C GLN A 25 -7.51 7.27 12.66
N THR A 26 -6.66 6.44 13.27
CA THR A 26 -7.09 5.57 14.37
C THR A 26 -7.42 6.29 15.68
N LYS A 27 -6.91 7.51 15.87
CA LYS A 27 -7.26 8.24 17.08
C LYS A 27 -8.43 9.21 16.87
N GLY A 28 -9.01 9.20 15.69
CA GLY A 28 -10.24 9.94 15.41
C GLY A 28 -10.03 11.36 14.95
N TYR A 29 -8.77 11.77 14.87
CA TYR A 29 -8.41 13.16 14.59
C TYR A 29 -9.05 13.68 13.31
N PHE A 30 -9.13 12.81 12.30
CA PHE A 30 -9.80 13.15 11.03
C PHE A 30 -11.30 13.34 11.25
N LYS A 31 -11.87 12.52 12.13
CA LYS A 31 -13.29 12.52 12.45
C LYS A 31 -13.70 13.81 13.16
N GLU A 32 -12.94 14.18 14.20
CA GLU A 32 -13.22 15.43 14.92
C GLU A 32 -13.12 16.64 13.97
N GLN A 33 -12.47 16.44 12.82
CA GLN A 33 -12.37 17.49 11.80
C GLN A 33 -13.50 17.39 10.79
N GLY A 34 -14.32 16.35 10.94
CA GLY A 34 -15.43 16.13 10.04
C GLY A 34 -14.91 15.65 8.70
N LEU A 35 -13.86 14.85 8.76
CA LEU A 35 -13.18 14.38 7.56
C LEU A 35 -13.24 12.87 7.40
N ASP A 36 -13.51 12.42 6.19
CA ASP A 36 -13.56 10.97 5.97
C ASP A 36 -12.40 10.53 5.05
N ALA A 38 -9.85 8.07 3.17
CA ALA A 38 -9.69 6.70 2.69
C ALA A 38 -8.26 6.58 2.25
N ILE A 39 -7.47 5.93 3.07
CA ILE A 39 -6.05 5.86 2.82
C ILE A 39 -5.74 4.64 2.00
N LEU A 40 -5.13 4.83 0.85
CA LEU A 40 -4.86 3.70 -0.03
C LEU A 40 -3.38 3.49 -0.21
N GLU A 41 -3.01 2.26 -0.56
CA GLU A 41 -1.63 1.91 -0.81
C GLU A 41 -1.41 1.51 -2.25
N PRO A 42 -0.27 1.91 -2.82
CA PRO A 42 0.06 1.56 -4.20
C PRO A 42 0.79 0.22 -4.31
N THR A 43 0.55 -0.44 -5.44
CA THR A 43 1.23 -1.68 -5.76
C THR A 43 2.50 -1.25 -6.47
N ASN A 44 2.44 -0.07 -7.06
CA ASN A 44 3.49 0.38 -7.93
C ASN A 44 3.70 1.87 -7.78
N PRO A 45 4.65 2.26 -6.92
CA PRO A 45 4.91 3.66 -6.57
C PRO A 45 4.89 4.61 -7.78
N SER A 46 5.14 4.10 -8.99
CA SER A 46 5.19 4.97 -10.16
C SER A 46 3.81 5.40 -10.59
N ASP A 47 2.78 4.75 -10.05
CA ASP A 47 1.40 5.12 -10.37
C ASP A 47 0.99 6.41 -9.67
N VAL A 48 1.63 6.69 -8.53
CA VAL A 48 1.19 7.73 -7.62
C VAL A 48 1.03 9.14 -8.21
N THR A 49 2.01 9.64 -8.96
CA THR A 49 1.90 11.01 -9.46
C THR A 49 0.82 11.14 -10.52
N GLU A 50 0.81 10.22 -11.47
CA GLU A 50 -0.22 10.18 -12.51
C GLU A 50 -1.59 10.02 -11.90
N LEU A 51 -1.73 9.17 -10.89
CA LEU A 51 -3.04 9.01 -10.26
C LEU A 51 -3.53 10.33 -9.66
N ILE A 52 -2.73 10.90 -8.76
CA ILE A 52 -3.08 12.13 -8.04
C ILE A 52 -3.24 13.32 -8.99
N GLY A 53 -2.26 13.46 -9.89
CA GLY A 53 -2.27 14.49 -10.91
C GLY A 53 -3.49 14.53 -11.80
N SER A 54 -3.92 13.37 -12.27
CA SER A 54 -5.08 13.29 -13.16
C SER A 54 -6.38 13.53 -12.42
N GLY A 55 -6.35 13.36 -11.10
CA GLY A 55 -7.50 13.68 -10.27
C GLY A 55 -8.27 12.48 -9.74
N LYS A 56 -7.93 11.30 -10.24
CA LYS A 56 -8.49 10.04 -9.78
C LYS A 56 -8.25 9.78 -8.29
N VAL A 57 -7.21 10.40 -7.75
CA VAL A 57 -6.98 10.41 -6.30
C VAL A 57 -6.82 11.85 -5.83
N ASP A 58 -7.41 12.20 -4.70
CA ASP A 58 -7.33 13.59 -4.22
C ASP A 58 -5.95 14.00 -3.68
N GLY A 60 -2.04 12.53 -1.50
CA GLY A 60 -1.16 11.47 -1.05
C GLY A 60 0.24 11.94 -0.68
N LEU A 61 1.21 11.04 -0.79
CA LEU A 61 2.60 11.34 -0.47
C LEU A 61 3.50 11.22 -1.68
N LYS A 62 4.53 12.04 -1.74
CA LYS A 62 5.47 11.95 -2.85
C LYS A 62 6.77 12.68 -2.53
N ALA A 63 7.87 12.14 -3.02
CA ALA A 63 9.15 12.80 -2.85
C ALA A 63 9.21 14.07 -3.71
N ILE A 65 11.63 15.37 -5.62
CA ILE A 65 12.20 15.19 -6.95
C ILE A 65 11.07 14.76 -7.87
N HIS A 66 10.20 13.90 -7.38
CA HIS A 66 9.11 13.38 -8.19
C HIS A 66 7.96 14.35 -8.23
N THR A 67 7.81 15.16 -7.20
CA THR A 67 6.74 16.14 -7.20
C THR A 67 7.07 17.24 -8.20
N LEU A 68 8.36 17.54 -8.36
CA LEU A 68 8.77 18.55 -9.33
C LEU A 68 8.58 18.05 -10.75
N ALA A 69 8.98 16.80 -10.97
CA ALA A 69 8.86 16.22 -12.28
C ALA A 69 7.40 16.09 -12.73
N ALA A 70 6.50 15.93 -11.78
CA ALA A 70 5.09 15.72 -12.11
C ALA A 70 4.50 16.94 -12.79
N LYS A 71 4.70 18.11 -12.19
CA LYS A 71 4.25 19.36 -12.79
C LYS A 71 4.89 19.52 -14.17
N ALA A 72 6.17 19.14 -14.28
CA ALA A 72 6.91 19.22 -15.54
C ALA A 72 6.58 18.08 -16.49
N ARG A 73 5.54 17.32 -16.20
CA ARG A 73 5.16 16.20 -17.05
C ARG A 73 3.68 16.32 -17.35
N GLY A 74 3.09 17.42 -16.89
CA GLY A 74 1.68 17.71 -17.13
C GLY A 74 0.72 17.23 -16.07
N PHE A 75 1.21 16.90 -14.89
CA PHE A 75 0.35 16.49 -13.78
C PHE A 75 0.27 17.57 -12.72
N PRO A 76 -0.75 18.43 -12.81
CA PRO A 76 -0.89 19.52 -11.85
C PRO A 76 -1.07 18.98 -10.41
N VAL A 77 0.03 18.91 -9.66
CA VAL A 77 -0.02 18.56 -8.24
C VAL A 77 0.63 19.67 -7.41
N THR A 78 0.23 19.78 -6.15
CA THR A 78 0.83 20.79 -5.27
C THR A 78 1.16 20.23 -3.90
N SER A 79 2.34 20.58 -3.39
CA SER A 79 2.73 20.22 -2.03
C SER A 79 2.11 21.15 -1.00
N VAL A 80 1.37 20.57 -0.06
CA VAL A 80 0.69 21.34 0.98
C VAL A 80 1.30 21.17 2.37
N ALA A 81 2.36 20.40 2.46
CA ALA A 81 3.04 20.10 3.73
C ALA A 81 4.23 19.19 3.46
N SER A 82 5.12 19.09 4.46
CA SER A 82 6.32 18.27 4.42
C SER A 82 6.23 17.17 5.51
N LEU A 83 6.39 15.90 5.10
CA LEU A 83 6.39 14.77 6.05
C LEU A 83 7.79 14.38 6.51
N LEU A 84 8.73 14.26 5.59
CA LEU A 84 10.04 13.72 5.92
C LEU A 84 11.10 14.59 5.28
N ASP A 85 11.84 15.36 6.07
CA ASP A 85 12.76 16.38 5.54
C ASP A 85 14.17 15.83 5.35
N GLU A 86 14.67 15.94 4.13
CA GLU A 86 16.05 15.59 3.75
C GLU A 86 16.69 14.32 4.31
N PRO A 87 16.03 13.15 4.16
CA PRO A 87 16.69 11.91 4.56
C PRO A 87 17.85 11.62 3.61
N PHE A 88 18.94 11.08 4.14
CA PHE A 88 20.12 10.81 3.31
C PHE A 88 19.80 9.80 2.19
N THR A 89 20.15 10.19 0.98
CA THR A 89 19.83 9.43 -0.22
C THR A 89 21.11 8.98 -0.89
N GLY A 90 21.10 7.78 -1.46
CA GLY A 90 22.28 7.38 -2.18
C GLY A 90 22.34 5.95 -2.70
N VAL A 91 23.48 5.65 -3.29
CA VAL A 91 23.75 4.32 -3.79
C VAL A 91 24.25 3.48 -2.64
N LEU A 92 23.43 2.52 -2.22
CA LEU A 92 23.75 1.63 -1.12
C LEU A 92 24.47 0.39 -1.63
N TYR A 93 25.35 -0.16 -0.80
CA TYR A 93 26.01 -1.41 -1.14
C TYR A 93 26.57 -2.12 0.10
N LEU A 94 26.81 -3.42 -0.03
CA LEU A 94 27.45 -4.21 1.01
C LEU A 94 28.97 -4.21 0.87
N LYS A 95 29.67 -4.12 1.99
CA LYS A 95 31.12 -4.37 2.00
C LYS A 95 31.41 -5.77 1.43
N GLY A 96 32.45 -5.88 0.60
CA GLY A 96 32.75 -7.13 -0.07
C GLY A 96 31.80 -7.39 -1.24
N SER A 97 31.49 -6.35 -1.99
CA SER A 97 30.45 -6.39 -3.03
C SER A 97 30.85 -6.86 -4.42
N GLY A 98 31.96 -6.40 -4.99
CA GLY A 98 32.96 -5.54 -4.37
C GLY A 98 32.94 -4.13 -4.92
N ILE A 99 32.23 -3.26 -4.22
CA ILE A 99 32.29 -1.83 -4.48
C ILE A 99 33.02 -1.20 -3.31
N THR A 100 33.73 -0.12 -3.58
CA THR A 100 34.52 0.54 -2.57
C THR A 100 34.03 1.98 -2.46
N GLU A 101 34.76 2.78 -1.68
CA GLU A 101 34.41 4.18 -1.45
C GLU A 101 34.55 5.02 -2.73
N ASP A 102 35.19 4.43 -3.74
CA ASP A 102 35.36 5.13 -5.01
C ASP A 102 34.30 4.80 -6.04
N PHE A 103 33.93 5.81 -6.83
CA PHE A 103 32.92 5.65 -7.86
C PHE A 103 33.45 4.83 -9.04
N GLN A 104 34.77 4.76 -9.18
CA GLN A 104 35.38 3.94 -10.24
C GLN A 104 34.89 2.50 -10.17
N SER A 105 34.72 2.00 -8.96
CA SER A 105 34.27 0.63 -8.71
C SER A 105 32.82 0.40 -9.12
N LEU A 106 32.12 1.47 -9.48
CA LEU A 106 30.72 1.32 -9.83
C LEU A 106 30.64 0.98 -11.30
N LYS A 107 31.78 1.11 -11.97
CA LYS A 107 31.85 0.81 -13.38
C LYS A 107 31.84 -0.70 -13.58
N GLY A 108 30.94 -1.16 -14.44
CA GLY A 108 30.82 -2.58 -14.72
C GLY A 108 29.75 -3.21 -13.86
N LYS A 109 29.41 -2.53 -12.77
CA LYS A 109 28.44 -3.07 -11.85
C LYS A 109 27.00 -2.83 -12.28
N LYS A 110 26.09 -3.43 -11.54
CA LYS A 110 24.68 -3.39 -11.82
C LYS A 110 23.98 -2.64 -10.65
N ILE A 111 23.23 -1.58 -10.97
CA ILE A 111 22.67 -0.67 -9.96
C ILE A 111 21.16 -0.50 -10.01
N GLY A 112 20.47 -0.87 -8.93
CA GLY A 112 19.02 -0.75 -8.86
C GLY A 112 18.47 0.63 -8.55
N TYR A 113 17.19 0.82 -8.87
CA TYR A 113 16.48 2.06 -8.57
C TYR A 113 15.00 1.75 -8.68
N VAL A 114 14.15 2.67 -8.25
CA VAL A 114 12.74 2.35 -8.14
C VAL A 114 12.10 2.23 -9.52
N GLY A 115 12.40 3.18 -10.39
CA GLY A 115 11.93 3.12 -11.76
C GLY A 115 11.01 4.23 -12.21
N GLU A 116 10.82 5.24 -11.35
CA GLU A 116 10.13 6.49 -11.71
C GLU A 116 10.66 7.08 -13.02
N PHE A 117 11.97 7.27 -13.08
CA PHE A 117 12.62 7.67 -14.33
C PHE A 117 12.94 6.45 -15.21
N GLY A 118 13.58 6.71 -16.35
CA GLY A 118 13.91 5.63 -17.27
C GLY A 118 15.29 5.73 -17.90
N LYS A 119 15.55 6.85 -18.57
CA LYS A 119 16.81 7.05 -19.27
C LYS A 119 17.34 8.45 -19.01
N ILE A 120 18.26 8.57 -18.07
CA ILE A 120 18.69 9.87 -17.58
C ILE A 120 20.15 9.89 -17.13
N LYS A 132 28.18 8.91 -20.00
CA LYS A 132 28.76 7.57 -20.05
C LYS A 132 27.69 6.47 -19.89
N PRO A 133 26.74 6.40 -20.85
CA PRO A 133 25.46 5.71 -20.74
C PRO A 133 25.54 4.21 -20.46
N GLU A 134 26.67 3.60 -20.79
CA GLU A 134 26.77 2.15 -20.69
C GLU A 134 28.04 1.65 -19.99
N ASP A 135 28.40 2.33 -18.91
CA ASP A 135 29.43 1.82 -18.00
C ASP A 135 28.74 1.09 -16.86
N TYR A 136 27.60 1.63 -16.44
CA TYR A 136 26.77 0.98 -15.43
C TYR A 136 25.68 0.18 -16.11
N THR A 137 24.91 -0.52 -15.29
CA THR A 137 23.82 -1.32 -15.77
C THR A 137 22.64 -1.07 -14.84
N ALA A 138 21.60 -0.40 -15.34
CA ALA A 138 20.46 0.00 -14.51
C ALA A 138 19.45 -1.13 -14.44
N VAL A 139 18.98 -1.45 -13.23
CA VAL A 139 17.86 -2.38 -13.09
C VAL A 139 16.68 -1.69 -12.40
N ARG A 140 15.46 -1.97 -12.85
CA ARG A 140 14.28 -1.37 -12.25
C ARG A 140 13.71 -2.35 -11.25
N CYS A 141 13.75 -1.98 -9.98
CA CYS A 141 13.45 -2.93 -8.91
C CYS A 141 12.17 -2.59 -8.17
N GLY A 142 11.60 -1.44 -8.50
CA GLY A 142 10.46 -0.90 -7.78
C GLY A 142 10.76 -0.83 -6.30
N ASN A 144 11.72 -3.06 -4.32
CA ASN A 144 12.56 -4.18 -3.88
C ASN A 144 14.07 -3.98 -4.09
N VAL A 145 14.51 -2.73 -4.20
CA VAL A 145 15.93 -2.43 -4.37
C VAL A 145 16.81 -3.06 -3.30
N ALA A 146 16.47 -2.89 -2.03
CA ALA A 146 17.32 -3.42 -0.97
C ALA A 146 17.25 -4.95 -0.92
N LYS A 147 16.09 -5.50 -1.26
CA LYS A 147 15.92 -6.94 -1.34
C LYS A 147 16.94 -7.52 -2.31
N TYR A 148 16.99 -6.92 -3.48
CA TYR A 148 17.80 -7.43 -4.56
C TYR A 148 19.28 -7.29 -4.27
N ILE A 149 19.68 -6.25 -3.55
CA ILE A 149 21.07 -6.12 -3.10
C ILE A 149 21.47 -7.30 -2.20
N ILE A 150 20.65 -7.56 -1.19
CA ILE A 150 20.83 -8.66 -0.29
C ILE A 150 20.93 -10.00 -1.04
N GLU A 151 20.10 -10.15 -2.06
CA GLU A 151 20.10 -11.37 -2.87
C GLU A 151 21.20 -11.39 -3.93
N GLY A 152 21.95 -10.29 -4.04
CA GLY A 152 23.02 -10.19 -5.01
C GLY A 152 22.61 -10.03 -6.46
N LYS A 153 21.29 -10.05 -6.71
CA LYS A 153 20.75 -9.82 -8.05
C LYS A 153 21.30 -8.52 -8.62
N ILE A 154 21.42 -7.52 -7.76
CA ILE A 154 22.07 -6.27 -8.13
C ILE A 154 23.26 -5.99 -7.22
N ASP A 155 24.21 -5.22 -7.72
CA ASP A 155 25.44 -4.96 -6.98
C ASP A 155 25.23 -3.82 -6.00
N ALA A 156 24.52 -2.79 -6.44
CA ALA A 156 24.21 -1.62 -5.62
C ALA A 156 22.82 -1.09 -5.96
N GLY A 157 22.37 -0.03 -5.32
CA GLY A 157 21.04 0.49 -5.60
C GLY A 157 20.66 1.76 -4.88
N ILE A 158 19.72 2.51 -5.43
CA ILE A 158 19.33 3.77 -4.81
C ILE A 158 18.38 3.58 -3.65
N GLY A 159 18.66 4.27 -2.54
CA GLY A 159 17.79 4.18 -1.38
C GLY A 159 18.01 5.24 -0.32
N ILE A 160 17.29 5.05 0.77
CA ILE A 160 17.23 6.00 1.87
C ILE A 160 17.88 5.41 3.12
N GLU A 161 18.66 6.25 3.79
CA GLU A 161 19.41 5.91 5.00
C GLU A 161 18.52 5.31 6.10
N CYS A 162 17.31 5.81 6.26
CA CYS A 162 16.43 5.30 7.32
C CYS A 162 15.49 4.16 6.90
N GLN A 164 16.06 1.77 3.38
CA GLN A 164 16.79 0.74 2.66
C GLN A 164 18.14 0.40 3.29
N GLN A 165 18.78 1.35 3.94
CA GLN A 165 20.04 1.03 4.57
C GLN A 165 19.77 0.17 5.81
N VAL A 166 18.74 0.53 6.58
CA VAL A 166 18.39 -0.23 7.76
C VAL A 166 18.06 -1.67 7.42
N GLU A 167 17.48 -1.89 6.24
CA GLU A 167 17.14 -3.21 5.77
C GLU A 167 18.40 -4.03 5.43
N LEU A 168 19.39 -3.39 4.79
CA LEU A 168 20.70 -4.00 4.58
C LEU A 168 21.34 -4.37 5.91
N GLU A 169 21.26 -3.48 6.89
CA GLU A 169 21.88 -3.76 8.19
C GLU A 169 21.15 -4.86 8.94
N GLU A 170 19.88 -5.07 8.67
CA GLU A 170 19.18 -6.15 9.34
C GLU A 170 19.64 -7.50 8.78
N TYR A 171 20.03 -7.53 7.51
CA TYR A 171 20.52 -8.76 6.89
C TYR A 171 21.90 -9.07 7.42
N LEU A 172 22.72 -8.02 7.54
CA LEU A 172 24.07 -8.16 8.04
C LEU A 172 24.03 -8.69 9.45
N ALA A 173 23.17 -8.13 10.28
CA ALA A 173 23.05 -8.55 11.67
C ALA A 173 22.70 -10.03 11.82
N LYS A 174 21.97 -10.56 10.85
CA LYS A 174 21.59 -11.95 10.92
C LYS A 174 22.78 -12.82 10.57
N GLN A 175 23.66 -12.31 9.71
CA GLN A 175 24.89 -13.01 9.36
C GLN A 175 26.03 -12.70 10.34
N GLY A 176 25.70 -12.05 11.46
CA GLY A 176 26.68 -11.61 12.44
C GLY A 176 27.55 -10.42 12.08
N ARG A 177 27.25 -9.75 10.96
CA ARG A 177 28.13 -8.69 10.46
C ARG A 177 27.80 -7.33 11.09
N PRO A 178 28.83 -6.49 11.32
CA PRO A 178 28.53 -5.20 11.94
C PRO A 178 27.67 -4.32 11.03
N ALA A 179 26.84 -3.46 11.61
CA ALA A 179 25.92 -2.66 10.81
C ALA A 179 26.63 -1.71 9.86
N SER A 180 27.92 -1.48 10.09
CA SER A 180 28.70 -0.56 9.27
C SER A 180 29.10 -1.16 7.93
N ASP A 181 28.87 -2.46 7.76
CA ASP A 181 29.14 -3.11 6.49
C ASP A 181 28.14 -2.65 5.45
N ALA A 182 27.02 -2.06 5.88
CA ALA A 182 26.08 -1.46 4.95
C ALA A 182 26.51 -0.03 4.63
N LYS A 183 27.14 0.15 3.47
CA LYS A 183 27.69 1.43 3.09
C LYS A 183 26.76 2.23 2.16
N LEU A 185 27.14 5.27 -0.98
CA LEU A 185 27.73 6.31 -1.79
C LEU A 185 26.72 7.43 -1.81
N ARG A 186 27.04 8.52 -1.13
CA ARG A 186 26.07 9.56 -0.85
C ARG A 186 25.99 10.63 -1.94
N ILE A 187 24.75 10.96 -2.31
CA ILE A 187 24.46 12.08 -3.21
C ILE A 187 24.84 13.40 -2.50
N ASP A 188 25.89 14.05 -3.03
CA ASP A 188 26.70 15.07 -2.35
C ASP A 188 27.80 14.43 -1.49
N CYS A 196 19.97 20.44 -0.51
CA CYS A 196 19.13 19.38 -1.07
C CYS A 196 17.74 19.48 -0.36
N CYS A 197 16.75 18.60 -0.55
CA CYS A 197 16.90 17.19 -0.91
C CYS A 197 15.80 16.58 -1.77
N PHE A 198 16.25 15.81 -2.76
CA PHE A 198 15.40 15.14 -3.72
C PHE A 198 14.38 14.25 -3.03
N CYS A 199 14.76 13.66 -1.91
CA CYS A 199 13.92 12.64 -1.30
C CYS A 199 13.08 13.02 -0.07
N THR A 200 12.93 14.31 0.17
CA THR A 200 11.95 14.79 1.14
C THR A 200 10.58 14.28 0.75
N VAL A 201 9.89 13.67 1.70
CA VAL A 201 8.52 13.18 1.45
C VAL A 201 7.50 14.25 1.82
N LEU A 202 6.73 14.67 0.82
CA LEU A 202 5.74 15.73 0.95
C LEU A 202 4.31 15.22 0.92
N TYR A 203 3.42 15.86 1.68
CA TYR A 203 2.00 15.66 1.47
C TYR A 203 1.62 16.41 0.21
N ILE A 204 0.93 15.75 -0.72
CA ILE A 204 0.50 16.44 -1.93
C ILE A 204 -0.98 16.40 -2.23
N CYS A 205 -1.41 17.34 -3.07
CA CYS A 205 -2.79 17.39 -3.55
C CYS A 205 -2.83 17.62 -5.04
N ASN A 206 -3.85 17.04 -5.64
CA ASN A 206 -4.39 17.45 -6.92
C ASN A 206 -4.75 18.93 -6.80
N ASP A 207 -4.28 19.75 -7.73
CA ASP A 207 -4.52 21.20 -7.75
C ASP A 207 -6.01 21.53 -7.74
N GLU A 208 -6.78 20.77 -8.51
CA GLU A 208 -8.19 21.04 -8.65
C GLU A 208 -8.89 20.78 -7.33
N PHE A 209 -8.55 19.67 -6.69
CA PHE A 209 -9.19 19.31 -5.45
C PHE A 209 -8.89 20.39 -4.39
N LEU A 210 -7.67 20.90 -4.41
CA LEU A 210 -7.25 21.89 -3.43
C LEU A 210 -8.05 23.19 -3.61
N LYS A 211 -8.18 23.61 -4.87
CA LYS A 211 -8.92 24.83 -5.20
C LYS A 211 -10.37 24.76 -4.71
N LYS A 212 -10.99 23.59 -4.89
CA LYS A 212 -12.39 23.43 -4.50
C LYS A 212 -12.59 22.98 -3.05
N ASN A 213 -11.52 22.48 -2.42
CA ASN A 213 -11.67 22.01 -1.04
C ASN A 213 -10.64 22.53 -0.03
N PRO A 214 -10.36 23.86 -0.07
CA PRO A 214 -9.28 24.42 0.75
C PRO A 214 -9.51 24.25 2.24
N GLU A 215 -10.75 24.28 2.65
CA GLU A 215 -11.04 24.06 4.02
C GLU A 215 -10.73 22.61 4.44
N LYS A 216 -10.99 21.65 3.55
CA LYS A 216 -10.77 20.25 3.90
C LYS A 216 -9.29 19.97 4.03
N VAL A 217 -8.50 20.49 3.10
CA VAL A 217 -7.07 20.27 3.14
C VAL A 217 -6.53 20.88 4.43
N ARG A 218 -6.99 22.10 4.72
CA ARG A 218 -6.68 22.80 5.95
C ARG A 218 -7.06 21.95 7.18
N LYS A 219 -8.21 21.29 7.14
CA LYS A 219 -8.58 20.45 8.26
C LYS A 219 -7.77 19.16 8.31
N PHE A 220 -7.40 18.64 7.14
CA PHE A 220 -6.53 17.49 7.06
C PHE A 220 -5.17 17.71 7.77
N LEU A 221 -4.55 18.85 7.48
CA LEU A 221 -3.24 19.15 8.02
C LEU A 221 -3.26 19.42 9.52
N LYS A 222 -4.42 19.77 10.07
CA LYS A 222 -4.54 19.96 11.51
C LYS A 222 -4.47 18.63 12.21
N ALA A 223 -5.17 17.64 11.68
CA ALA A 223 -5.12 16.30 12.26
C ALA A 223 -3.72 15.70 12.12
N ILE A 224 -3.08 15.92 10.97
CA ILE A 224 -1.72 15.45 10.75
C ILE A 224 -0.80 16.03 11.85
N LYS A 225 -0.95 17.34 12.08
CA LYS A 225 -0.09 18.04 13.00
C LYS A 225 -0.36 17.56 14.42
N LYS A 226 -1.59 17.17 14.70
CA LYS A 226 -1.88 16.75 16.04
C LYS A 226 -1.15 15.42 16.29
N ALA A 227 -1.20 14.52 15.32
CA ALA A 227 -0.57 13.20 15.43
C ALA A 227 0.97 13.22 15.33
N THR A 228 1.52 14.11 14.51
CA THR A 228 2.96 14.32 14.48
C THR A 228 3.47 14.75 15.88
N ASP A 229 2.74 15.63 16.54
CA ASP A 229 3.09 16.10 17.88
C ASP A 229 3.13 14.94 18.87
N TYR A 230 2.18 14.03 18.75
CA TYR A 230 2.10 12.88 19.61
C TYR A 230 3.30 11.96 19.34
N VAL A 231 3.52 11.65 18.06
CA VAL A 231 4.67 10.92 17.61
C VAL A 231 6.00 11.47 18.16
N LEU A 232 6.26 12.76 17.97
CA LEU A 232 7.51 13.35 18.44
C LEU A 232 7.63 13.48 19.95
N ALA A 233 6.53 13.62 20.66
CA ALA A 233 6.57 13.73 22.10
C ALA A 233 6.73 12.36 22.74
N ASP A 234 6.05 11.37 22.17
CA ASP A 234 6.11 9.99 22.68
C ASP A 234 6.17 8.94 21.56
N PRO A 235 7.37 8.74 21.00
CA PRO A 235 7.55 7.82 19.87
C PRO A 235 7.18 6.39 20.20
N VAL A 236 7.44 5.97 21.44
CA VAL A 236 7.19 4.61 21.89
C VAL A 236 5.69 4.30 21.99
N LYS A 237 4.98 5.09 22.78
CA LYS A 237 3.54 4.86 22.95
C LYS A 237 2.81 5.01 21.61
N ALA A 238 3.24 5.96 20.80
CA ALA A 238 2.72 6.14 19.44
C ALA A 238 2.88 4.89 18.58
N TRP A 239 4.06 4.26 18.66
CA TRP A 239 4.37 3.08 17.85
C TRP A 239 3.54 1.85 18.23
N SER A 240 3.34 1.66 19.54
CA SER A 240 2.62 0.51 20.07
C SER A 240 1.22 0.45 19.47
N GLY A 241 0.60 1.62 19.33
CA GLY A 241 -0.72 1.72 18.72
C GLY A 241 -0.71 1.51 17.21
N TYR A 242 0.28 2.08 16.53
CA TYR A 242 0.46 1.90 15.10
C TYR A 242 0.63 0.42 14.74
N ILE A 243 1.40 -0.31 15.53
CA ILE A 243 1.63 -1.73 15.23
C ILE A 243 0.49 -2.64 15.71
N ASP A 244 -0.36 -2.13 16.58
CA ASP A 244 -1.60 -2.82 16.89
C ASP A 244 -2.53 -2.74 15.67
N PHE A 245 -2.38 -1.69 14.88
CA PHE A 245 -3.23 -1.49 13.71
C PHE A 245 -2.60 -2.03 12.44
N LYS A 246 -1.29 -2.18 12.44
CA LYS A 246 -0.55 -2.61 11.27
C LYS A 246 0.54 -3.62 11.63
N PRO A 247 0.12 -4.84 11.99
CA PRO A 247 0.95 -5.95 12.49
C PRO A 247 2.09 -6.29 11.54
N GLN A 248 1.95 -5.97 10.26
CA GLN A 248 3.00 -6.19 9.27
C GLN A 248 4.26 -5.38 9.62
N LEU A 249 4.12 -4.41 10.51
CA LEU A 249 5.22 -3.57 10.95
C LEU A 249 5.68 -3.92 12.36
N ASN A 250 5.04 -4.90 12.97
CA ASN A 250 5.47 -5.41 14.25
C ASN A 250 6.67 -6.36 14.10
N ASN A 251 7.84 -5.77 13.87
CA ASN A 251 9.09 -6.51 13.75
C ASN A 251 10.30 -5.62 14.04
N ASP A 252 11.46 -6.22 14.24
CA ASP A 252 12.62 -5.46 14.64
C ASP A 252 13.12 -4.57 13.52
N LEU A 253 12.78 -4.88 12.27
CA LEU A 253 13.33 -4.09 11.17
C LEU A 253 12.58 -2.77 11.06
N SER A 254 11.27 -2.83 11.27
CA SER A 254 10.46 -1.64 11.20
C SER A 254 10.72 -0.74 12.40
N TYR A 255 11.01 -1.32 13.55
CA TYR A 255 11.30 -0.50 14.72
C TYR A 255 12.62 0.24 14.63
N LYS A 256 13.61 -0.34 13.95
CA LYS A 256 14.89 0.34 13.73
C LYS A 256 14.75 1.44 12.68
N GLN A 257 13.99 1.14 11.63
CA GLN A 257 13.68 2.14 10.62
C GLN A 257 12.96 3.31 11.25
N TYR A 258 12.00 3.01 12.12
CA TYR A 258 11.26 4.01 12.86
C TYR A 258 12.21 4.92 13.66
N GLN A 259 13.17 4.30 14.34
CA GLN A 259 14.17 5.06 15.08
C GLN A 259 14.99 5.97 14.20
N ARG A 260 15.22 5.61 12.95
CA ARG A 260 16.05 6.46 12.10
C ARG A 260 15.25 7.49 11.33
N CYS A 261 13.96 7.23 11.17
CA CYS A 261 13.11 8.25 10.62
C CYS A 261 12.90 9.36 11.64
N TYR A 262 13.06 9.04 12.92
CA TYR A 262 12.65 9.95 13.98
C TYR A 262 13.16 11.37 13.84
N ALA A 263 14.38 11.51 13.33
CA ALA A 263 15.04 12.80 13.25
C ALA A 263 14.69 13.52 11.99
N TYR A 264 14.20 12.77 11.02
CA TYR A 264 13.89 13.31 9.71
C TYR A 264 12.47 13.87 9.62
N PHE A 265 11.62 13.48 10.56
CA PHE A 265 10.24 13.95 10.61
C PHE A 265 10.26 15.46 10.66
N SER A 266 9.40 16.10 9.89
CA SER A 266 9.16 17.52 10.02
C SER A 266 8.18 17.77 11.16
N SER A 267 8.58 18.61 12.12
CA SER A 267 7.73 18.94 13.27
C SER A 267 6.70 20.04 13.00
N SER A 268 7.01 20.93 12.05
CA SER A 268 6.17 22.06 11.70
C SER A 268 5.27 21.79 10.48
N LEU A 269 5.65 20.75 9.75
CA LEU A 269 5.11 20.37 8.44
C LEU A 269 5.32 21.37 7.31
N TYR A 270 6.09 22.41 7.56
CA TYR A 270 6.28 23.44 6.55
C TYR A 270 7.19 22.99 5.41
N ASN A 271 6.84 23.41 4.19
CA ASN A 271 7.78 23.35 3.09
C ASN A 271 8.93 24.28 3.39
N VAL A 272 10.15 23.79 3.29
CA VAL A 272 11.32 24.63 3.47
C VAL A 272 11.68 25.35 2.16
N HIS A 273 11.59 26.67 2.15
CA HIS A 273 11.82 27.43 0.92
C HIS A 273 13.20 27.26 0.34
N ARG A 274 14.21 27.22 1.20
CA ARG A 274 15.58 27.03 0.72
C ARG A 274 15.73 25.72 -0.05
N ASP A 275 15.16 24.64 0.49
CA ASP A 275 15.27 23.30 -0.13
C ASP A 275 14.63 23.27 -1.51
N TRP A 276 13.45 23.88 -1.62
CA TRP A 276 12.77 23.97 -2.88
C TRP A 276 13.58 24.80 -3.85
N LYS A 277 14.18 25.83 -3.31
CA LYS A 277 14.85 26.81 -4.13
C LYS A 277 16.12 26.25 -4.72
N LYS A 278 16.85 25.46 -3.95
CA LYS A 278 18.08 24.81 -4.43
C LYS A 278 17.76 23.82 -5.57
N VAL A 279 16.89 22.84 -5.29
CA VAL A 279 16.57 21.79 -6.25
C VAL A 279 16.03 22.35 -7.56
N THR A 280 15.07 23.26 -7.47
CA THR A 280 14.50 23.87 -8.67
C THR A 280 15.54 24.67 -9.41
N GLY A 281 16.36 25.41 -8.68
CA GLY A 281 17.41 26.21 -9.29
C GLY A 281 18.51 25.34 -9.86
N TYR A 282 18.80 24.24 -9.18
CA TYR A 282 19.74 23.24 -9.67
C TYR A 282 19.20 22.62 -10.95
N GLY A 283 17.89 22.48 -10.99
CA GLY A 283 17.26 21.88 -12.14
C GLY A 283 17.35 22.82 -13.32
N LYS A 284 17.17 24.11 -13.06
CA LYS A 284 17.20 25.11 -14.13
C LYS A 284 18.61 25.27 -14.67
N ARG A 285 19.60 25.13 -13.80
CA ARG A 285 20.98 25.28 -14.20
C ARG A 285 21.46 24.09 -15.02
N LEU A 286 20.75 22.97 -14.93
CA LEU A 286 21.11 21.78 -15.70
C LEU A 286 20.23 21.61 -16.94
N ALA A 287 19.38 22.62 -17.17
CA ALA A 287 18.50 22.67 -18.33
C ALA A 287 17.33 21.67 -18.31
N ILE A 288 17.18 20.94 -17.21
CA ILE A 288 16.09 19.99 -17.05
C ILE A 288 14.72 20.66 -16.93
N LEU A 289 14.61 21.65 -16.05
CA LEU A 289 13.40 22.42 -15.92
C LEU A 289 13.52 23.69 -16.77
N PRO A 290 12.40 24.20 -17.26
CA PRO A 290 12.36 25.50 -17.92
C PRO A 290 12.90 26.56 -16.98
N PRO A 291 13.41 27.67 -17.54
CA PRO A 291 13.99 28.65 -16.64
C PRO A 291 12.92 29.55 -16.04
N ASP A 292 11.66 29.37 -16.40
CA ASP A 292 10.57 30.10 -15.74
C ASP A 292 9.63 29.19 -14.95
N TYR A 293 10.12 28.00 -14.62
CA TYR A 293 9.37 27.03 -13.83
C TYR A 293 9.08 27.59 -12.43
N VAL A 294 7.84 27.45 -12.00
CA VAL A 294 7.46 27.91 -10.66
C VAL A 294 7.28 26.73 -9.73
N SER A 295 7.92 26.79 -8.57
CA SER A 295 7.93 25.65 -7.67
C SER A 295 6.53 25.40 -7.15
N ASN A 296 6.13 24.13 -7.21
CA ASN A 296 4.76 23.75 -6.90
C ASN A 296 4.48 23.34 -5.45
N TYR A 297 4.80 24.24 -4.52
CA TYR A 297 4.37 24.12 -3.14
C TYR A 297 3.66 25.38 -2.62
N THR A 298 3.04 25.25 -1.45
CA THR A 298 2.47 26.38 -0.72
C THR A 298 2.38 26.05 0.76
N ASN A 299 2.60 27.04 1.62
CA ASN A 299 2.43 26.79 3.05
C ASN A 299 1.13 27.37 3.59
N GLU A 300 0.28 27.81 2.69
CA GLU A 300 -0.94 28.49 3.08
C GLU A 300 -2.03 27.67 3.80
N TYR A 301 -2.01 26.34 3.74
CA TYR A 301 -3.07 25.58 4.40
C TYR A 301 -2.66 25.06 5.77
N LEU A 302 -1.48 25.51 6.20
CA LEU A 302 -1.00 25.28 7.56
C LEU A 302 -1.53 26.37 8.50
N SER A 303 -1.96 25.97 9.70
CA SER A 303 -2.77 26.85 10.53
C SER A 303 -2.08 27.25 11.82
N TRP A 304 -0.77 27.41 11.73
CA TRP A 304 0.06 27.71 12.89
C TRP A 304 1.32 28.32 12.36
N PRO A 305 2.01 29.08 13.23
CA PRO A 305 3.16 29.89 12.82
C PRO A 305 4.34 29.10 12.25
N GLU A 306 4.95 29.70 11.24
CA GLU A 306 6.14 29.20 10.59
C GLU A 306 7.38 29.47 11.44
N PRO A 307 8.22 28.43 11.67
CA PRO A 307 9.52 28.52 12.34
C PRO A 307 10.57 29.33 11.56
N GLU A 308 11.55 29.89 12.26
CA GLU A 308 12.65 30.63 11.63
C GLU A 308 13.46 29.75 10.67
N GLU A 309 14.13 30.39 9.72
CA GLU A 309 15.00 29.67 8.79
C GLU A 309 16.19 29.08 9.57
N VAL A 310 16.82 28.06 8.98
CA VAL A 310 18.02 27.47 9.57
C VAL A 310 19.26 28.28 9.18
N SER A 311 20.06 28.63 10.19
CA SER A 311 21.19 29.53 10.01
C SER A 311 22.38 28.94 9.22
N ASP A 312 22.92 27.82 9.71
CA ASP A 312 24.01 27.14 9.03
C ASP A 312 23.43 25.89 8.36
N PRO A 313 22.98 26.04 7.13
CA PRO A 313 22.15 25.03 6.45
C PRO A 313 22.93 23.77 6.05
N LEU A 314 24.21 23.96 5.74
CA LEU A 314 25.04 22.89 5.22
C LEU A 314 25.81 22.20 6.34
N GLU A 315 26.11 22.94 7.40
CA GLU A 315 26.85 22.36 8.52
C GLU A 315 25.93 21.53 9.39
N ALA A 316 24.62 21.80 9.30
CA ALA A 316 23.62 20.97 9.96
C ALA A 316 23.46 19.64 9.22
N THR A 317 23.83 19.63 7.94
CA THR A 317 23.91 18.40 7.16
C THR A 317 25.00 17.46 7.67
N ARG A 318 26.19 18.01 7.93
CA ARG A 318 27.28 17.19 8.45
C ARG A 318 27.02 16.70 9.88
N LEU A 319 26.33 17.52 10.68
CA LEU A 319 25.91 17.12 12.02
C LEU A 319 24.89 15.94 12.01
N ALA A 321 24.51 13.43 9.69
CA ALA A 321 25.20 12.18 9.41
C ALA A 321 25.77 11.57 10.69
N ILE A 322 26.45 12.40 11.48
CA ILE A 322 27.04 11.95 12.74
C ILE A 322 25.92 11.51 13.70
N HIS A 323 24.86 12.32 13.76
CA HIS A 323 23.72 12.01 14.60
C HIS A 323 23.09 10.67 14.17
N GLN A 324 22.93 10.47 12.87
CA GLN A 324 22.35 9.22 12.40
C GLN A 324 23.30 8.05 12.68
N GLU A 325 24.60 8.34 12.63
CA GLU A 325 25.66 7.39 12.98
C GLU A 325 25.49 6.88 14.41
N LYS A 326 25.21 7.81 15.33
CA LYS A 326 24.96 7.48 16.73
C LYS A 326 23.64 6.70 16.93
N CYS A 327 22.61 7.02 16.14
CA CYS A 327 21.33 6.33 16.23
C CYS A 327 21.50 4.86 15.86
N ARG A 328 22.22 4.62 14.76
CA ARG A 328 22.51 3.26 14.30
C ARG A 328 23.18 2.36 15.36
N GLN A 329 24.10 2.94 16.13
CA GLN A 329 24.81 2.15 17.14
C GLN A 329 24.05 2.03 18.48
N GLU A 330 23.44 3.14 18.91
CA GLU A 330 22.83 3.27 20.24
C GLU A 330 21.36 2.87 20.40
N GLY A 331 20.65 2.78 19.28
CA GLY A 331 19.24 2.41 19.28
C GLY A 331 18.25 3.30 20.04
N THR A 332 18.20 4.59 19.70
CA THR A 332 17.32 5.52 20.41
C THR A 332 16.52 6.51 19.56
N PHE A 333 15.71 7.31 20.25
CA PHE A 333 14.95 8.41 19.62
C PHE A 333 15.50 9.78 20.04
N LYS A 334 16.05 10.48 19.07
CA LYS A 334 16.66 11.77 19.29
C LYS A 334 16.51 12.58 18.03
N ARG A 335 16.07 13.83 18.20
CA ARG A 335 16.01 14.81 17.15
C ARG A 335 17.38 15.41 17.05
N LEU A 336 17.70 16.01 15.91
CA LEU A 336 18.90 16.83 15.80
C LEU A 336 18.65 18.24 16.33
N THR B 3 -6.14 11.01 -17.80
CA THR B 3 -5.28 9.96 -18.33
C THR B 3 -6.03 8.63 -18.47
N ASP B 4 -5.33 7.60 -18.97
CA ASP B 4 -5.98 6.34 -19.29
C ASP B 4 -5.54 5.16 -18.43
N LYS B 5 -5.21 5.42 -17.17
CA LYS B 5 -4.98 4.34 -16.24
C LYS B 5 -6.33 3.84 -15.74
N ILE B 6 -6.42 2.52 -15.56
CA ILE B 6 -7.59 1.92 -14.97
C ILE B 6 -7.24 1.47 -13.56
N THR B 7 -8.04 1.88 -12.58
CA THR B 7 -7.70 1.59 -11.20
C THR B 7 -8.43 0.39 -10.70
N PHE B 8 -7.70 -0.51 -10.07
CA PHE B 8 -8.29 -1.73 -9.56
C PHE B 8 -8.01 -1.84 -8.07
N LEU B 9 -9.05 -1.71 -7.25
CA LEU B 9 -8.86 -1.66 -5.81
C LEU B 9 -9.14 -2.99 -5.18
N LEU B 10 -8.09 -3.65 -4.68
CA LEU B 10 -8.22 -4.94 -3.96
C LEU B 10 -9.24 -4.88 -2.82
N ASN B 11 -9.61 -6.05 -2.33
CA ASN B 11 -10.63 -6.13 -1.28
C ASN B 11 -10.03 -6.14 0.13
N TRP B 12 -8.70 -6.25 0.19
CA TRP B 12 -7.96 -6.53 1.42
C TRP B 12 -6.49 -6.15 1.19
N GLN B 13 -5.67 -6.22 2.22
CA GLN B 13 -4.22 -6.16 2.01
C GLN B 13 -3.88 -7.38 1.19
N PRO B 14 -2.71 -7.39 0.53
CA PRO B 14 -2.38 -8.51 -0.38
C PRO B 14 -2.39 -9.91 0.25
N THR B 15 -3.20 -10.80 -0.33
CA THR B 15 -3.32 -12.18 0.15
C THR B 15 -2.73 -13.17 -0.85
N PRO B 16 -2.73 -14.46 -0.49
CA PRO B 16 -2.27 -15.43 -1.48
C PRO B 16 -3.29 -15.65 -2.61
N TYR B 17 -4.55 -15.32 -2.38
CA TYR B 17 -5.56 -15.53 -3.41
C TYR B 17 -5.60 -14.42 -4.46
N HIS B 18 -4.88 -13.32 -4.20
CA HIS B 18 -4.82 -12.20 -5.15
C HIS B 18 -3.79 -12.47 -6.25
N ILE B 19 -3.23 -13.68 -6.24
CA ILE B 19 -2.10 -14.00 -7.11
C ILE B 19 -2.35 -13.87 -8.65
N PRO B 20 -3.58 -14.18 -9.12
CA PRO B 20 -3.73 -14.00 -10.56
C PRO B 20 -3.64 -12.57 -11.02
N ILE B 21 -4.24 -11.68 -10.22
CA ILE B 21 -4.25 -10.26 -10.51
C ILE B 21 -2.81 -9.73 -10.58
N PHE B 22 -2.01 -10.13 -9.61
CA PHE B 22 -0.63 -9.63 -9.58
C PHE B 22 0.24 -10.28 -10.66
N LEU B 23 0.05 -11.57 -10.86
CA LEU B 23 0.83 -12.31 -11.85
C LEU B 23 0.46 -11.82 -13.26
N ALA B 24 -0.78 -11.37 -13.44
CA ALA B 24 -1.23 -10.92 -14.74
C ALA B 24 -0.53 -9.61 -15.06
N GLN B 25 -0.15 -8.90 -14.02
CA GLN B 25 0.66 -7.71 -14.20
C GLN B 25 2.14 -8.03 -14.42
N THR B 26 2.72 -8.79 -13.50
CA THR B 26 4.16 -9.05 -13.54
C THR B 26 4.62 -9.86 -14.75
N LYS B 27 3.71 -10.61 -15.39
CA LYS B 27 4.09 -11.40 -16.56
C LYS B 27 3.75 -10.71 -17.89
N GLY B 28 3.21 -9.49 -17.80
CA GLY B 28 2.94 -8.68 -18.97
C GLY B 28 1.64 -8.97 -19.68
N TYR B 29 0.71 -9.60 -18.97
CA TYR B 29 -0.56 -9.95 -19.59
C TYR B 29 -1.44 -8.73 -19.82
N PHE B 30 -1.49 -7.83 -18.85
CA PHE B 30 -2.22 -6.57 -19.03
C PHE B 30 -1.58 -5.72 -20.13
N LYS B 31 -0.27 -5.80 -20.26
CA LYS B 31 0.42 -5.04 -21.29
C LYS B 31 0.07 -5.58 -22.68
N GLU B 32 0.03 -6.91 -22.78
CA GLU B 32 -0.20 -7.54 -24.07
C GLU B 32 -1.66 -7.35 -24.53
N GLN B 33 -2.56 -7.00 -23.61
CA GLN B 33 -3.93 -6.61 -23.97
C GLN B 33 -4.12 -5.12 -24.21
N GLY B 34 -3.03 -4.36 -24.25
CA GLY B 34 -3.15 -2.92 -24.39
C GLY B 34 -3.63 -2.17 -23.14
N LEU B 35 -3.50 -2.80 -21.98
CA LEU B 35 -4.09 -2.27 -20.75
C LEU B 35 -3.07 -1.70 -19.77
N ASP B 36 -3.45 -0.62 -19.10
CA ASP B 36 -2.61 -0.06 -18.06
C ASP B 36 -3.32 -0.16 -16.72
N ALA B 38 -3.56 -0.11 -12.57
CA ALA B 38 -2.96 0.43 -11.37
C ALA B 38 -3.63 -0.25 -10.21
N ILE B 39 -2.93 -1.23 -9.65
CA ILE B 39 -3.49 -1.95 -8.52
C ILE B 39 -3.33 -1.16 -7.22
N LEU B 40 -4.46 -0.93 -6.55
CA LEU B 40 -4.47 -0.25 -5.28
C LEU B 40 -4.90 -1.24 -4.21
N GLU B 41 -4.49 -0.97 -2.97
CA GLU B 41 -4.77 -1.83 -1.82
C GLU B 41 -5.34 -0.96 -0.72
N PRO B 42 -6.46 -1.39 -0.13
CA PRO B 42 -7.10 -0.56 0.89
C PRO B 42 -6.43 -0.67 2.23
N THR B 43 -6.59 0.36 3.04
CA THR B 43 -6.13 0.40 4.43
C THR B 43 -7.28 -0.13 5.24
N ASN B 44 -8.46 0.20 4.75
CA ASN B 44 -9.71 -0.07 5.43
C ASN B 44 -10.69 -0.73 4.45
N PRO B 45 -10.97 -2.01 4.64
CA PRO B 45 -11.82 -2.78 3.71
C PRO B 45 -13.15 -2.09 3.43
N SER B 46 -13.69 -1.47 4.48
CA SER B 46 -14.97 -0.81 4.40
C SER B 46 -15.05 0.29 3.33
N ASP B 47 -13.90 0.81 2.91
CA ASP B 47 -13.89 1.86 1.88
C ASP B 47 -14.17 1.33 0.48
N VAL B 48 -13.91 0.04 0.26
CA VAL B 48 -13.94 -0.51 -1.09
C VAL B 48 -15.24 -0.33 -1.89
N THR B 49 -16.36 -0.85 -1.38
CA THR B 49 -17.64 -0.71 -2.06
C THR B 49 -17.89 0.74 -2.43
N GLU B 50 -17.70 1.66 -1.47
CA GLU B 50 -18.09 3.04 -1.71
C GLU B 50 -17.20 3.73 -2.74
N LEU B 51 -15.91 3.36 -2.75
CA LEU B 51 -14.98 3.97 -3.68
C LEU B 51 -15.24 3.50 -5.12
N ILE B 52 -15.58 2.22 -5.26
CA ILE B 52 -15.94 1.67 -6.57
C ILE B 52 -17.37 2.13 -6.91
N GLY B 53 -18.24 2.07 -5.89
CA GLY B 53 -19.62 2.48 -6.05
C GLY B 53 -19.77 3.88 -6.60
N SER B 54 -18.96 4.82 -6.10
CA SER B 54 -19.07 6.22 -6.51
C SER B 54 -18.31 6.54 -7.80
N GLY B 55 -17.58 5.56 -8.32
CA GLY B 55 -16.82 5.77 -9.53
C GLY B 55 -15.41 6.34 -9.34
N LYS B 56 -15.03 6.63 -8.09
CA LYS B 56 -13.69 7.15 -7.83
C LYS B 56 -12.63 6.11 -8.21
N VAL B 57 -12.96 4.84 -7.99
CA VAL B 57 -12.13 3.77 -8.53
C VAL B 57 -12.99 2.94 -9.49
N ASP B 58 -12.35 2.44 -10.57
CA ASP B 58 -13.04 1.78 -11.68
C ASP B 58 -13.48 0.36 -11.42
N GLY B 60 -12.41 -3.57 -8.88
CA GLY B 60 -11.81 -4.16 -7.70
C GLY B 60 -12.50 -5.46 -7.32
N LEU B 61 -12.32 -5.85 -6.07
CA LEU B 61 -12.81 -7.12 -5.57
C LEU B 61 -13.71 -6.86 -4.40
N LYS B 62 -14.73 -7.68 -4.25
CA LYS B 62 -15.62 -7.59 -3.12
C LYS B 62 -16.30 -8.93 -2.94
N ALA B 63 -16.55 -9.32 -1.71
CA ALA B 63 -17.36 -10.50 -1.43
C ALA B 63 -18.78 -10.36 -1.98
N ILE B 65 -22.00 -11.16 -0.68
CA ILE B 65 -22.82 -10.48 0.32
C ILE B 65 -22.68 -8.95 0.23
N HIS B 66 -21.44 -8.45 0.24
CA HIS B 66 -21.19 -7.01 0.27
C HIS B 66 -21.51 -6.34 -1.06
N THR B 67 -21.26 -7.07 -2.14
CA THR B 67 -21.65 -6.60 -3.47
C THR B 67 -23.17 -6.40 -3.58
N LEU B 68 -23.92 -7.33 -3.01
CA LEU B 68 -25.37 -7.26 -3.03
C LEU B 68 -25.87 -6.10 -2.21
N ALA B 69 -25.18 -5.85 -1.09
CA ALA B 69 -25.60 -4.81 -0.18
C ALA B 69 -25.27 -3.47 -0.81
N ALA B 70 -24.22 -3.44 -1.61
CA ALA B 70 -23.81 -2.21 -2.26
C ALA B 70 -24.90 -1.68 -3.18
N LYS B 71 -25.48 -2.58 -3.98
CA LYS B 71 -26.53 -2.19 -4.91
C LYS B 71 -27.71 -1.69 -4.10
N ALA B 72 -27.98 -2.38 -3.00
CA ALA B 72 -29.03 -2.01 -2.07
C ALA B 72 -28.65 -0.86 -1.14
N ARG B 73 -27.54 -0.19 -1.42
CA ARG B 73 -27.17 1.02 -0.67
C ARG B 73 -27.01 2.22 -1.62
N GLY B 74 -27.45 2.03 -2.88
CA GLY B 74 -27.26 3.05 -3.90
C GLY B 74 -25.82 3.16 -4.38
N PHE B 75 -25.13 2.02 -4.39
CA PHE B 75 -23.79 1.94 -4.96
C PHE B 75 -23.81 1.01 -6.16
N PRO B 76 -23.97 1.60 -7.34
CA PRO B 76 -24.12 0.89 -8.62
C PRO B 76 -22.88 0.08 -9.03
N VAL B 77 -22.75 -1.13 -8.49
CA VAL B 77 -21.67 -2.05 -8.87
C VAL B 77 -22.22 -3.33 -9.48
N THR B 78 -21.39 -3.98 -10.28
CA THR B 78 -21.80 -5.19 -10.99
C THR B 78 -20.64 -6.18 -11.01
N SER B 79 -20.92 -7.42 -10.64
CA SER B 79 -19.89 -8.46 -10.73
C SER B 79 -19.70 -8.95 -12.16
N VAL B 80 -18.47 -8.81 -12.69
CA VAL B 80 -18.16 -9.30 -14.04
C VAL B 80 -17.46 -10.65 -14.02
N ALA B 81 -16.92 -11.05 -12.87
CA ALA B 81 -16.30 -12.38 -12.78
C ALA B 81 -16.21 -12.85 -11.35
N SER B 82 -15.83 -14.11 -11.19
CA SER B 82 -15.62 -14.68 -9.86
C SER B 82 -14.16 -15.14 -9.66
N LEU B 83 -13.62 -14.85 -8.48
CA LEU B 83 -12.21 -15.11 -8.18
C LEU B 83 -12.08 -16.32 -7.24
N LEU B 84 -12.92 -16.35 -6.20
CA LEU B 84 -12.84 -17.35 -5.14
C LEU B 84 -14.26 -17.71 -4.80
N ASP B 85 -14.62 -18.93 -5.13
CA ASP B 85 -16.00 -19.39 -4.98
C ASP B 85 -16.21 -20.07 -3.64
N GLU B 86 -17.17 -19.55 -2.90
CA GLU B 86 -17.67 -20.19 -1.68
C GLU B 86 -16.56 -20.69 -0.77
N PRO B 87 -15.75 -19.77 -0.21
CA PRO B 87 -14.85 -20.26 0.84
C PRO B 87 -15.67 -20.48 2.09
N PHE B 88 -15.25 -21.38 2.97
CA PHE B 88 -15.98 -21.65 4.22
C PHE B 88 -15.89 -20.45 5.14
N THR B 89 -17.06 -19.94 5.54
CA THR B 89 -17.15 -18.72 6.31
C THR B 89 -17.34 -19.00 7.79
N THR B 100 -18.33 -19.70 24.15
CA THR B 100 -17.14 -20.53 24.22
C THR B 100 -17.42 -21.95 23.73
N GLU B 101 -18.63 -22.43 23.97
CA GLU B 101 -19.03 -23.79 23.59
C GLU B 101 -19.23 -23.90 22.09
N ASP B 102 -19.77 -25.02 21.64
CA ASP B 102 -20.08 -25.22 20.23
C ASP B 102 -21.54 -24.86 19.92
N PHE B 103 -22.23 -24.31 20.92
CA PHE B 103 -23.61 -23.84 20.73
C PHE B 103 -23.65 -22.31 20.81
N GLN B 104 -24.82 -21.75 21.12
CA GLN B 104 -24.95 -20.30 21.26
C GLN B 104 -24.35 -19.75 22.57
N SER B 105 -23.61 -18.66 22.46
CA SER B 105 -23.02 -18.00 23.63
C SER B 105 -22.86 -16.49 23.45
N LEU B 106 -23.59 -15.74 24.28
CA LEU B 106 -23.53 -14.27 24.32
C LEU B 106 -22.74 -13.80 25.54
N LYS B 110 -16.20 -9.05 23.12
CA LYS B 110 -16.82 -10.32 22.75
C LYS B 110 -16.62 -10.64 21.28
N ILE B 111 -17.62 -10.35 20.46
CA ILE B 111 -17.60 -10.74 19.05
C ILE B 111 -17.16 -9.67 18.05
N GLY B 112 -16.16 -10.01 17.24
CA GLY B 112 -15.58 -9.08 16.28
C GLY B 112 -16.12 -9.22 14.87
N TYR B 113 -16.16 -8.09 14.16
CA TYR B 113 -16.59 -8.05 12.77
C TYR B 113 -15.72 -7.04 12.02
N VAL B 114 -15.69 -7.16 10.70
CA VAL B 114 -14.74 -6.38 9.92
C VAL B 114 -15.08 -4.89 9.90
N GLY B 115 -16.32 -4.55 9.60
CA GLY B 115 -16.74 -3.16 9.64
C GLY B 115 -17.90 -2.80 8.73
N GLU B 116 -18.54 -3.82 8.15
CA GLU B 116 -19.70 -3.61 7.28
C GLU B 116 -20.85 -4.55 7.62
N THR B 137 -19.67 -6.20 23.31
CA THR B 137 -20.12 -7.33 22.49
C THR B 137 -19.75 -7.16 21.02
N ALA B 138 -20.23 -6.09 20.40
CA ALA B 138 -19.92 -5.80 19.00
C ALA B 138 -18.66 -4.95 18.87
N VAL B 139 -17.58 -5.55 18.37
CA VAL B 139 -16.29 -4.87 18.23
C VAL B 139 -15.77 -4.91 16.79
N ARG B 140 -15.49 -3.74 16.23
CA ARG B 140 -14.91 -3.68 14.89
C ARG B 140 -13.42 -3.97 14.96
N CYS B 141 -12.94 -4.90 14.14
CA CYS B 141 -11.52 -5.26 14.16
C CYS B 141 -10.86 -5.03 12.82
N GLY B 142 -11.63 -4.59 11.83
CA GLY B 142 -11.09 -4.47 10.49
C GLY B 142 -10.41 -5.76 10.05
N ASN B 144 -8.00 -7.23 11.24
CA ASN B 144 -7.22 -7.79 12.33
C ASN B 144 -7.92 -8.81 13.23
N VAL B 145 -9.15 -9.23 12.87
CA VAL B 145 -9.95 -10.17 13.69
C VAL B 145 -9.19 -11.37 14.30
N ALA B 146 -8.51 -12.12 13.46
CA ALA B 146 -7.80 -13.30 13.92
C ALA B 146 -6.71 -12.89 14.91
N LYS B 147 -6.03 -11.78 14.62
CA LYS B 147 -5.00 -11.24 15.51
C LYS B 147 -5.54 -10.99 16.92
N TYR B 148 -6.66 -10.27 17.01
CA TYR B 148 -7.32 -10.02 18.28
C TYR B 148 -7.93 -11.26 18.98
N ILE B 149 -8.17 -12.33 18.23
CA ILE B 149 -8.57 -13.60 18.85
C ILE B 149 -7.35 -14.21 19.56
N ILE B 150 -6.26 -14.36 18.81
CA ILE B 150 -4.98 -14.82 19.36
C ILE B 150 -4.59 -14.02 20.63
N GLU B 151 -4.88 -12.72 20.62
CA GLU B 151 -4.50 -11.83 21.73
C GLU B 151 -5.60 -11.70 22.77
N GLY B 152 -6.68 -12.44 22.56
CA GLY B 152 -7.76 -12.46 23.53
C GLY B 152 -8.46 -11.13 23.78
N LYS B 153 -8.26 -10.17 22.89
CA LYS B 153 -9.03 -8.93 22.99
C LYS B 153 -10.46 -9.22 22.56
N ILE B 154 -10.63 -10.32 21.83
CA ILE B 154 -11.98 -10.80 21.48
C ILE B 154 -12.10 -12.31 21.69
N ASP B 155 -13.34 -12.78 21.87
CA ASP B 155 -13.57 -14.16 22.22
C ASP B 155 -13.59 -15.08 20.99
N ALA B 156 -14.30 -14.66 19.95
CA ALA B 156 -14.31 -15.35 18.66
C ALA B 156 -14.20 -14.30 17.55
N GLY B 157 -14.54 -14.67 16.32
CA GLY B 157 -14.64 -13.71 15.22
C GLY B 157 -15.15 -14.26 13.90
N ILE B 158 -15.74 -13.39 13.07
CA ILE B 158 -16.12 -13.78 11.72
C ILE B 158 -14.94 -13.73 10.74
N GLY B 159 -14.60 -14.87 10.12
CA GLY B 159 -13.46 -14.99 9.20
C GLY B 159 -13.57 -16.16 8.23
N ILE B 160 -12.48 -16.48 7.52
CA ILE B 160 -12.52 -17.44 6.41
C ILE B 160 -11.57 -18.63 6.60
N GLU B 161 -12.10 -19.84 6.35
CA GLU B 161 -11.36 -21.07 6.63
C GLU B 161 -9.90 -21.09 6.08
N CYS B 162 -9.66 -20.42 4.95
CA CYS B 162 -8.32 -20.45 4.34
C CYS B 162 -7.48 -19.23 4.73
N GLN B 164 -8.37 -16.41 7.89
CA GLN B 164 -8.33 -16.15 9.32
C GLN B 164 -8.07 -17.43 10.16
N GLN B 165 -8.56 -18.56 9.68
CA GLN B 165 -8.45 -19.81 10.43
C GLN B 165 -7.01 -20.38 10.42
N VAL B 166 -6.41 -20.46 9.23
CA VAL B 166 -5.02 -20.89 9.09
C VAL B 166 -4.11 -19.99 9.92
N GLU B 167 -4.55 -18.76 10.17
CA GLU B 167 -3.74 -17.89 11.00
C GLU B 167 -3.69 -18.41 12.46
N LEU B 168 -4.87 -18.70 13.02
CA LEU B 168 -4.99 -19.26 14.37
C LEU B 168 -4.16 -20.56 14.50
N GLU B 169 -4.33 -21.45 13.52
CA GLU B 169 -3.57 -22.69 13.46
C GLU B 169 -2.04 -22.52 13.40
N GLU B 170 -1.56 -21.35 12.96
CA GLU B 170 -0.12 -21.05 12.98
C GLU B 170 0.29 -20.76 14.43
N TYR B 171 -0.51 -19.95 15.11
CA TYR B 171 -0.26 -19.61 16.50
C TYR B 171 -0.19 -20.86 17.35
N LEU B 172 -1.21 -21.70 17.25
CA LEU B 172 -1.26 -22.99 17.94
C LEU B 172 -0.01 -23.87 17.71
N ALA B 173 0.47 -23.92 16.47
CA ALA B 173 1.63 -24.73 16.16
C ALA B 173 2.93 -24.21 16.85
N LYS B 174 2.96 -22.91 17.15
CA LYS B 174 4.16 -22.30 17.74
C LYS B 174 4.18 -22.51 19.26
N GLN B 175 2.99 -22.69 19.84
CA GLN B 175 2.86 -22.90 21.27
C GLN B 175 2.50 -24.37 21.58
N GLY B 176 2.64 -25.25 20.59
CA GLY B 176 2.52 -26.68 20.84
C GLY B 176 1.23 -27.42 20.47
N ARG B 177 0.16 -26.69 20.16
CA ARG B 177 -1.14 -27.33 19.96
C ARG B 177 -1.38 -27.91 18.57
N PRO B 178 -2.40 -28.78 18.44
CA PRO B 178 -2.75 -29.28 17.11
C PRO B 178 -3.50 -28.22 16.33
N ALA B 179 -3.33 -28.25 15.00
CA ALA B 179 -4.08 -27.36 14.11
C ALA B 179 -5.60 -27.37 14.43
N SER B 180 -6.11 -28.53 14.85
CA SER B 180 -7.54 -28.69 15.18
C SER B 180 -8.00 -27.91 16.44
N ASP B 181 -7.07 -27.21 17.08
CA ASP B 181 -7.47 -26.38 18.23
C ASP B 181 -8.10 -25.03 17.86
N ALA B 182 -7.92 -24.61 16.61
CA ALA B 182 -8.61 -23.47 16.05
C ALA B 182 -9.92 -23.96 15.44
N LYS B 183 -11.03 -23.70 16.15
CA LYS B 183 -12.33 -24.22 15.74
C LYS B 183 -13.20 -23.11 15.16
N LEU B 185 -17.33 -22.01 14.13
CA LEU B 185 -18.78 -22.20 14.13
C LEU B 185 -19.31 -21.47 12.88
N ARG B 186 -20.61 -21.49 12.61
CA ARG B 186 -21.22 -20.85 11.43
C ARG B 186 -20.95 -21.50 10.07
N ILE B 187 -20.17 -22.59 10.04
CA ILE B 187 -19.73 -23.16 8.74
C ILE B 187 -20.87 -23.58 7.86
N ASP B 188 -21.56 -24.62 8.33
CA ASP B 188 -22.51 -25.36 7.52
C ASP B 188 -23.89 -25.27 8.15
N LYS B 189 -24.73 -24.43 7.57
CA LYS B 189 -26.13 -24.32 7.99
C LYS B 189 -27.02 -24.01 6.79
N LEU B 190 -28.30 -23.77 7.05
CA LEU B 190 -29.24 -23.34 6.02
C LEU B 190 -28.76 -22.06 5.35
N ALA B 191 -28.07 -21.22 6.14
CA ALA B 191 -27.49 -19.97 5.65
C ALA B 191 -25.97 -19.98 5.76
N PHE B 198 -21.92 -16.41 0.71
CA PHE B 198 -21.78 -15.01 1.14
C PHE B 198 -20.40 -14.46 0.80
N CYS B 199 -19.36 -15.17 1.20
CA CYS B 199 -18.01 -14.63 1.09
C CYS B 199 -17.24 -15.11 -0.14
N THR B 200 -17.97 -15.48 -1.19
CA THR B 200 -17.36 -15.60 -2.50
C THR B 200 -16.89 -14.20 -2.90
N VAL B 201 -15.74 -14.13 -3.54
CA VAL B 201 -15.11 -12.86 -3.82
C VAL B 201 -15.15 -12.63 -5.33
N LEU B 202 -15.63 -11.45 -5.72
CA LEU B 202 -15.90 -11.18 -7.13
C LEU B 202 -15.05 -10.06 -7.68
N TYR B 203 -14.72 -10.16 -8.96
CA TYR B 203 -14.19 -9.01 -9.66
C TYR B 203 -15.43 -8.17 -9.89
N ILE B 204 -15.38 -6.86 -9.63
CA ILE B 204 -16.57 -6.03 -9.76
C ILE B 204 -16.23 -4.70 -10.41
N CYS B 205 -17.19 -4.12 -11.12
CA CYS B 205 -16.96 -2.88 -11.86
C CYS B 205 -17.94 -1.83 -11.38
N ASN B 206 -17.55 -0.58 -11.51
CA ASN B 206 -18.48 0.53 -11.35
C ASN B 206 -19.37 0.51 -12.57
N ASP B 207 -20.69 0.63 -12.37
CA ASP B 207 -21.60 0.42 -13.50
C ASP B 207 -21.29 1.39 -14.63
N GLU B 208 -21.13 2.66 -14.29
CA GLU B 208 -20.78 3.63 -15.33
C GLU B 208 -19.44 3.29 -16.00
N PHE B 209 -18.51 2.68 -15.27
CA PHE B 209 -17.23 2.40 -15.90
C PHE B 209 -17.39 1.28 -16.92
N LEU B 210 -18.24 0.32 -16.59
CA LEU B 210 -18.48 -0.87 -17.42
C LEU B 210 -19.17 -0.48 -18.72
N LYS B 211 -20.17 0.38 -18.58
CA LYS B 211 -20.94 0.89 -19.72
C LYS B 211 -20.05 1.64 -20.74
N LYS B 212 -19.04 2.33 -20.24
CA LYS B 212 -18.24 3.14 -21.15
C LYS B 212 -16.91 2.51 -21.50
N ASN B 213 -16.68 1.29 -21.03
CA ASN B 213 -15.43 0.59 -21.32
C ASN B 213 -15.56 -0.95 -21.42
N PRO B 214 -16.64 -1.44 -22.04
CA PRO B 214 -16.92 -2.87 -21.97
C PRO B 214 -15.81 -3.70 -22.61
N GLU B 215 -15.17 -3.17 -23.64
CA GLU B 215 -14.05 -3.90 -24.23
C GLU B 215 -12.80 -3.96 -23.31
N LYS B 216 -12.51 -2.85 -22.63
CA LYS B 216 -11.39 -2.87 -21.69
C LYS B 216 -11.62 -3.95 -20.64
N VAL B 217 -12.83 -3.97 -20.10
CA VAL B 217 -13.20 -4.97 -19.13
C VAL B 217 -13.11 -6.34 -19.78
N ARG B 218 -13.45 -6.38 -21.06
CA ARG B 218 -13.44 -7.64 -21.79
C ARG B 218 -12.01 -8.14 -21.99
N LYS B 219 -11.04 -7.23 -22.06
CA LYS B 219 -9.63 -7.59 -22.20
C LYS B 219 -8.91 -7.84 -20.86
N PHE B 220 -9.44 -7.26 -19.79
CA PHE B 220 -8.91 -7.48 -18.44
C PHE B 220 -9.19 -8.91 -17.98
N LEU B 221 -10.41 -9.36 -18.19
CA LEU B 221 -10.78 -10.70 -17.75
C LEU B 221 -9.94 -11.78 -18.48
N LYS B 222 -9.47 -11.47 -19.69
CA LYS B 222 -8.62 -12.38 -20.44
C LYS B 222 -7.31 -12.58 -19.70
N ALA B 223 -6.61 -11.46 -19.52
CA ALA B 223 -5.38 -11.40 -18.74
C ALA B 223 -5.54 -12.16 -17.43
N ILE B 224 -6.62 -11.89 -16.70
CA ILE B 224 -6.92 -12.68 -15.51
C ILE B 224 -6.89 -14.17 -15.84
N LYS B 225 -7.65 -14.54 -16.88
CA LYS B 225 -7.83 -15.94 -17.23
C LYS B 225 -6.48 -16.56 -17.47
N LYS B 226 -5.67 -15.93 -18.31
CA LYS B 226 -4.36 -16.48 -18.63
C LYS B 226 -3.53 -16.69 -17.36
N ALA B 227 -3.54 -15.68 -16.50
CA ALA B 227 -2.79 -15.75 -15.27
C ALA B 227 -3.31 -16.88 -14.42
N THR B 228 -4.63 -16.91 -14.29
CA THR B 228 -5.31 -17.89 -13.46
C THR B 228 -4.97 -19.34 -13.87
N ASP B 229 -4.89 -19.56 -15.18
CA ASP B 229 -4.64 -20.88 -15.73
C ASP B 229 -3.22 -21.28 -15.36
N TYR B 230 -2.33 -20.30 -15.43
CA TYR B 230 -0.96 -20.53 -14.98
C TYR B 230 -0.92 -20.90 -13.49
N VAL B 231 -1.70 -20.22 -12.67
CA VAL B 231 -1.69 -20.51 -11.26
C VAL B 231 -2.16 -21.94 -11.02
N LEU B 232 -3.25 -22.33 -11.69
CA LEU B 232 -3.87 -23.62 -11.48
C LEU B 232 -3.01 -24.77 -11.99
N ALA B 233 -2.41 -24.55 -13.14
CA ALA B 233 -1.50 -25.51 -13.76
C ALA B 233 -0.22 -25.75 -12.93
N ASP B 234 0.34 -24.70 -12.34
CA ASP B 234 1.69 -24.76 -11.79
C ASP B 234 1.77 -23.96 -10.50
N PRO B 235 1.00 -24.38 -9.47
CA PRO B 235 0.78 -23.55 -8.27
C PRO B 235 2.07 -23.14 -7.53
N VAL B 236 3.06 -24.01 -7.60
CA VAL B 236 4.35 -23.77 -6.95
C VAL B 236 5.12 -22.68 -7.68
N LYS B 237 5.34 -22.89 -8.98
CA LYS B 237 6.11 -21.95 -9.80
C LYS B 237 5.36 -20.63 -9.92
N ALA B 238 4.04 -20.70 -9.84
CA ALA B 238 3.24 -19.50 -9.75
C ALA B 238 3.69 -18.76 -8.51
N TRP B 239 3.60 -19.46 -7.38
CA TRP B 239 3.83 -18.84 -6.08
C TRP B 239 5.19 -18.15 -5.91
N SER B 240 6.20 -18.64 -6.62
CA SER B 240 7.54 -18.14 -6.39
C SER B 240 7.72 -16.72 -6.95
N GLY B 241 7.13 -16.46 -8.10
CA GLY B 241 7.33 -15.18 -8.76
C GLY B 241 6.48 -14.16 -8.02
N TYR B 242 5.39 -14.66 -7.46
CA TYR B 242 4.48 -13.83 -6.71
C TYR B 242 5.23 -13.31 -5.50
N ILE B 243 5.68 -14.19 -4.61
CA ILE B 243 6.51 -13.75 -3.46
C ILE B 243 7.82 -13.00 -3.80
N ASP B 244 8.43 -13.27 -4.95
CA ASP B 244 9.56 -12.45 -5.39
C ASP B 244 9.12 -11.00 -5.54
N PHE B 245 7.88 -10.81 -5.97
CA PHE B 245 7.34 -9.47 -6.17
C PHE B 245 6.67 -8.90 -4.91
N LYS B 246 6.02 -9.76 -4.12
CA LYS B 246 5.43 -9.33 -2.84
C LYS B 246 6.07 -10.01 -1.62
N PRO B 247 7.32 -9.63 -1.27
CA PRO B 247 8.06 -10.19 -0.13
C PRO B 247 7.24 -10.35 1.15
N GLN B 248 6.25 -9.49 1.37
CA GLN B 248 5.42 -9.57 2.58
C GLN B 248 4.59 -10.86 2.64
N LEU B 249 4.71 -11.72 1.64
CA LEU B 249 4.01 -13.01 1.64
C LEU B 249 4.98 -14.18 1.68
N ASN B 250 6.28 -13.89 1.58
CA ASN B 250 7.26 -14.96 1.60
C ASN B 250 7.44 -15.50 3.01
N ASN B 251 6.46 -16.29 3.45
CA ASN B 251 6.44 -16.81 4.80
C ASN B 251 5.48 -18.01 4.98
N ASP B 252 5.70 -18.80 6.03
CA ASP B 252 5.02 -20.07 6.19
C ASP B 252 3.52 -19.96 6.40
N LEU B 253 3.08 -18.82 6.92
CA LEU B 253 1.66 -18.62 7.11
C LEU B 253 0.99 -18.45 5.75
N SER B 254 1.57 -17.58 4.93
CA SER B 254 1.02 -17.24 3.63
C SER B 254 0.95 -18.45 2.71
N TYR B 255 2.01 -19.25 2.71
CA TYR B 255 2.05 -20.42 1.86
C TYR B 255 1.05 -21.50 2.31
N LYS B 256 0.61 -21.43 3.56
CA LYS B 256 -0.36 -22.40 4.05
C LYS B 256 -1.76 -21.97 3.67
N GLN B 257 -1.95 -20.65 3.66
CA GLN B 257 -3.21 -20.06 3.20
C GLN B 257 -3.39 -20.36 1.71
N TYR B 258 -2.30 -20.19 0.94
CA TYR B 258 -2.27 -20.44 -0.50
C TYR B 258 -2.81 -21.81 -0.81
N GLN B 259 -2.35 -22.77 -0.01
CA GLN B 259 -2.68 -24.19 -0.15
C GLN B 259 -4.16 -24.45 0.10
N ARG B 260 -4.69 -23.79 1.11
CA ARG B 260 -6.11 -23.89 1.40
C ARG B 260 -6.91 -23.06 0.39
N CYS B 261 -6.30 -22.04 -0.17
CA CYS B 261 -7.04 -21.15 -1.06
C CYS B 261 -7.17 -21.80 -2.43
N TYR B 262 -6.21 -22.65 -2.78
CA TYR B 262 -6.18 -23.35 -4.08
C TYR B 262 -7.53 -23.97 -4.48
N ALA B 263 -8.20 -24.60 -3.53
CA ALA B 263 -9.41 -25.36 -3.85
C ALA B 263 -10.59 -24.45 -4.21
N TYR B 264 -10.57 -23.21 -3.70
CA TYR B 264 -11.70 -22.29 -3.90
C TYR B 264 -11.55 -21.37 -5.10
N PHE B 265 -10.36 -21.33 -5.70
CA PHE B 265 -10.14 -20.59 -6.94
C PHE B 265 -11.20 -21.02 -7.95
N SER B 266 -11.80 -20.05 -8.66
CA SER B 266 -12.62 -20.36 -9.82
C SER B 266 -11.76 -20.51 -11.06
N SER B 267 -11.87 -21.64 -11.76
CA SER B 267 -11.05 -21.81 -12.96
C SER B 267 -11.71 -21.12 -14.15
N SER B 268 -13.03 -21.05 -14.12
CA SER B 268 -13.75 -20.52 -15.26
C SER B 268 -13.93 -19.01 -15.13
N LEU B 269 -13.87 -18.53 -13.88
CA LEU B 269 -14.13 -17.10 -13.54
C LEU B 269 -15.60 -16.76 -13.62
N TYR B 270 -16.40 -17.71 -14.07
CA TYR B 270 -17.84 -17.51 -14.21
C TYR B 270 -18.60 -17.27 -12.92
N ASN B 271 -19.52 -16.31 -12.96
CA ASN B 271 -20.53 -16.22 -11.93
C ASN B 271 -21.36 -17.50 -11.93
N VAL B 272 -21.55 -18.06 -10.73
CA VAL B 272 -22.39 -19.24 -10.51
C VAL B 272 -23.81 -18.80 -10.10
N HIS B 273 -24.74 -18.90 -11.05
CA HIS B 273 -26.11 -18.39 -10.93
C HIS B 273 -26.84 -18.90 -9.69
N ARG B 274 -26.63 -20.19 -9.41
CA ARG B 274 -27.24 -20.85 -8.26
C ARG B 274 -26.96 -20.08 -6.96
N ASP B 275 -25.66 -19.91 -6.71
CA ASP B 275 -25.18 -19.14 -5.55
C ASP B 275 -25.78 -17.73 -5.46
N TRP B 276 -25.80 -17.00 -6.57
CA TRP B 276 -26.39 -15.66 -6.60
C TRP B 276 -27.90 -15.71 -6.36
N LYS B 277 -28.55 -16.73 -6.91
CA LYS B 277 -30.00 -16.87 -6.76
C LYS B 277 -30.33 -17.13 -5.31
N LYS B 278 -29.67 -18.14 -4.73
CA LYS B 278 -29.80 -18.46 -3.32
C LYS B 278 -29.71 -17.21 -2.44
N VAL B 279 -28.51 -16.61 -2.41
CA VAL B 279 -28.20 -15.45 -1.57
C VAL B 279 -29.18 -14.28 -1.75
N THR B 280 -29.57 -13.98 -2.98
CA THR B 280 -30.58 -12.96 -3.22
C THR B 280 -31.96 -13.46 -2.80
N GLY B 281 -32.12 -14.79 -2.86
CA GLY B 281 -33.33 -15.44 -2.37
C GLY B 281 -33.44 -15.29 -0.87
N TYR B 282 -32.37 -15.62 -0.15
CA TYR B 282 -32.33 -15.48 1.31
C TYR B 282 -32.74 -14.06 1.73
N GLY B 283 -32.06 -13.05 1.16
CA GLY B 283 -32.37 -11.66 1.45
C GLY B 283 -33.83 -11.28 1.27
N LYS B 284 -34.40 -11.65 0.12
CA LYS B 284 -35.81 -11.39 -0.12
C LYS B 284 -36.72 -12.05 0.91
N ARG B 285 -36.54 -13.36 1.10
CA ARG B 285 -37.35 -14.13 2.07
C ARG B 285 -37.10 -13.70 3.52
N LEU B 286 -36.02 -12.95 3.75
CA LEU B 286 -35.79 -12.37 5.07
C LEU B 286 -36.13 -10.88 5.13
N ALA B 287 -36.69 -10.37 4.03
CA ALA B 287 -37.18 -9.00 3.93
C ALA B 287 -36.08 -7.93 3.95
N ILE B 288 -34.83 -8.36 3.82
CA ILE B 288 -33.69 -7.43 3.79
C ILE B 288 -33.59 -6.73 2.43
N LEU B 289 -33.63 -7.52 1.36
CA LEU B 289 -33.65 -6.97 0.01
C LEU B 289 -35.11 -6.86 -0.45
N PRO B 290 -35.40 -5.86 -1.28
CA PRO B 290 -36.72 -5.74 -1.92
C PRO B 290 -37.09 -7.03 -2.67
N PRO B 291 -38.39 -7.27 -2.87
CA PRO B 291 -38.80 -8.52 -3.56
C PRO B 291 -38.63 -8.44 -5.07
N ASP B 292 -38.35 -7.23 -5.57
CA ASP B 292 -38.03 -7.05 -6.98
C ASP B 292 -36.57 -6.58 -7.14
N TYR B 293 -35.71 -7.09 -6.28
CA TYR B 293 -34.28 -6.79 -6.34
C TYR B 293 -33.60 -7.70 -7.36
N VAL B 294 -32.80 -7.14 -8.26
CA VAL B 294 -32.11 -7.98 -9.24
C VAL B 294 -30.67 -8.19 -8.83
N SER B 295 -30.22 -9.45 -8.87
CA SER B 295 -28.79 -9.76 -8.78
C SER B 295 -27.98 -8.89 -9.73
N ASN B 296 -26.94 -8.27 -9.18
CA ASN B 296 -26.06 -7.40 -9.94
C ASN B 296 -24.81 -8.13 -10.42
N TYR B 297 -25.01 -9.15 -11.25
CA TYR B 297 -23.90 -9.84 -11.91
C TYR B 297 -24.24 -10.11 -13.39
N THR B 298 -23.26 -10.55 -14.17
CA THR B 298 -23.44 -10.82 -15.58
C THR B 298 -22.17 -11.48 -16.08
N ASN B 299 -22.33 -12.47 -16.93
CA ASN B 299 -21.18 -13.24 -17.38
C ASN B 299 -20.81 -12.86 -18.80
N GLU B 300 -21.33 -11.74 -19.27
CA GLU B 300 -21.22 -11.45 -20.70
C GLU B 300 -19.85 -10.97 -21.12
N TYR B 301 -19.02 -10.60 -20.15
CA TYR B 301 -17.69 -10.09 -20.47
C TYR B 301 -16.61 -11.20 -20.46
N LEU B 302 -16.98 -12.40 -20.04
CA LEU B 302 -16.13 -13.59 -20.22
C LEU B 302 -16.22 -13.94 -21.69
N SER B 303 -15.16 -14.49 -22.25
CA SER B 303 -15.09 -14.64 -23.70
C SER B 303 -14.63 -16.07 -24.06
N TRP B 304 -15.06 -17.01 -23.22
CA TRP B 304 -14.80 -18.43 -23.41
C TRP B 304 -16.02 -19.20 -22.87
N PRO B 305 -16.21 -20.43 -23.35
CA PRO B 305 -17.41 -21.16 -22.96
C PRO B 305 -17.58 -21.39 -21.45
N GLU B 306 -18.83 -21.27 -21.00
CA GLU B 306 -19.22 -21.60 -19.65
C GLU B 306 -19.28 -23.12 -19.41
N PRO B 307 -18.69 -23.57 -18.29
CA PRO B 307 -18.83 -24.97 -17.85
C PRO B 307 -20.28 -25.41 -17.65
#